data_9GRQ
#
_entry.id   9GRQ
#
_cell.length_a   166.630
_cell.length_b   166.630
_cell.length_c   51.520
_cell.angle_alpha   90.000
_cell.angle_beta   90.000
_cell.angle_gamma   120.000
#
_symmetry.space_group_name_H-M   'P 31 2 1'
#
loop_
_entity.id
_entity.type
_entity.pdbx_description
1 polymer "2'-O-methyltransferase nsp16"
2 polymer 'Non-structural protein 10'
3 non-polymer THEOPHYLLINE
4 non-polymer 1,2-ETHANEDIOL
5 non-polymer '2-(N-MORPHOLINO)-ETHANESULFONIC ACID'
6 non-polymer 'SODIUM ION'
7 non-polymer S-ADENOSYLMETHIONINE
8 non-polymer 'ZINC ION'
9 water water
#
loop_
_entity_poly.entity_id
_entity_poly.type
_entity_poly.pdbx_seq_one_letter_code
_entity_poly.pdbx_strand_id
1 'polypeptide(L)'
;SSQAWQPGVAMPNLYKMQRMLLEKCDLQNYGDSATLPKGIMMNVAKYTQLCQYLNTLTLAVPYNMRVIHFGAGSDKGVAP
GTAVLRQWLPTGTLLVDSDLNDFVSDADSTLIGDCATVHTANKWDLIISDMYDPKTKNVTKENDSKEGFFTYICGFIQQK
LALGGSVAIKITEHSWNADLYKLMGHFAWWTAFVTNVNASSSEAFLIGCNYLGKPREQIDGYVMHANYIFWRNTNPIQLS
SYSLFDMSKFPLKLRGTAVMSLKEGQINDMILSLLSKGRLIIRENNRVVISSDVLVNNENLYFQ
;
A
2 'polypeptide(L)'
;GAGNATEVPANSTVLSFCAFAVDAAKAYKDYLASGGQPITNCVKMLCTHTGTGQAITVTPEANMDQESFGGASCCLYCRC
HIDHPNPKGFCDLKGKYVQIPTTCANDPVGFTLKNTVCTVCGMWKGYGCSCDQLREPMLQ
;
B
#
loop_
_chem_comp.id
_chem_comp.type
_chem_comp.name
_chem_comp.formula
EDO non-polymer 1,2-ETHANEDIOL 'C2 H6 O2'
MES non-polymer '2-(N-MORPHOLINO)-ETHANESULFONIC ACID' 'C6 H13 N O4 S'
NA non-polymer 'SODIUM ION' 'Na 1'
SAM non-polymer S-ADENOSYLMETHIONINE 'C15 H22 N6 O5 S'
TEP non-polymer THEOPHYLLINE 'C7 H8 N4 O2'
ZN non-polymer 'ZINC ION' 'Zn 2'
#
# COMPACT_ATOMS: atom_id res chain seq x y z
N SER A 1 -14.26 -2.31 22.71
CA SER A 1 -15.22 -1.23 22.96
C SER A 1 -15.55 -0.53 21.64
N SER A 2 -15.57 0.82 21.68
CA SER A 2 -15.71 1.61 20.45
C SER A 2 -14.56 1.37 19.47
N GLN A 3 -13.49 0.66 19.87
N GLN A 3 -13.49 0.66 19.87
CA GLN A 3 -12.40 0.36 18.95
CA GLN A 3 -12.40 0.36 18.95
C GLN A 3 -12.87 -0.43 17.74
C GLN A 3 -12.87 -0.43 17.74
N ALA A 4 -13.96 -1.19 17.85
CA ALA A 4 -14.43 -2.00 16.72
C ALA A 4 -14.86 -1.14 15.55
N TRP A 5 -15.19 0.13 15.80
CA TRP A 5 -15.59 1.05 14.75
C TRP A 5 -14.43 1.86 14.20
N GLN A 6 -13.27 1.76 14.81
CA GLN A 6 -12.08 2.39 14.28
C GLN A 6 -11.51 1.52 13.16
N PRO A 7 -10.59 2.06 12.36
CA PRO A 7 -9.90 1.19 11.40
C PRO A 7 -8.94 0.22 12.08
N GLY A 8 -8.59 0.46 13.34
CA GLY A 8 -7.63 -0.36 14.05
C GLY A 8 -7.32 0.27 15.38
N VAL A 9 -6.23 -0.20 15.99
CA VAL A 9 -5.83 0.28 17.31
C VAL A 9 -4.36 0.66 17.26
N ALA A 10 -4.03 1.84 17.75
CA ALA A 10 -2.64 2.29 17.87
C ALA A 10 -2.13 2.01 19.28
N MET A 11 -0.84 1.69 19.38
CA MET A 11 -0.22 1.36 20.66
C MET A 11 -0.40 2.48 21.67
N PRO A 12 -1.08 2.26 22.80
CA PRO A 12 -1.24 3.32 23.79
C PRO A 12 0.11 3.82 24.31
N ASN A 13 0.18 5.12 24.58
CA ASN A 13 1.46 5.74 24.91
C ASN A 13 2.08 5.14 26.17
N LEU A 14 1.26 4.76 27.14
CA LEU A 14 1.82 4.21 28.38
C LEU A 14 2.62 2.93 28.13
N TYR A 15 2.20 2.11 27.16
CA TYR A 15 2.98 0.92 26.81
C TYR A 15 4.33 1.29 26.24
N LYS A 16 4.38 2.38 25.45
CA LYS A 16 5.65 2.80 24.86
C LYS A 16 6.68 3.15 25.92
N MET A 17 6.22 3.56 27.10
CA MET A 17 7.11 4.03 28.16
C MET A 17 7.58 2.93 29.09
N GLN A 18 7.22 1.69 28.85
CA GLN A 18 7.59 0.64 29.79
C GLN A 18 9.01 0.16 29.52
N ARG A 19 9.48 -0.75 30.37
N ARG A 19 9.50 -0.74 30.38
CA ARG A 19 10.79 -1.40 30.19
CA ARG A 19 10.79 -1.40 30.19
C ARG A 19 10.59 -2.91 30.32
C ARG A 19 10.59 -2.91 30.31
N MET A 20 9.82 -3.46 29.38
CA MET A 20 9.45 -4.87 29.42
C MET A 20 10.57 -5.74 28.88
N LEU A 21 10.53 -7.01 29.28
CA LEU A 21 11.33 -8.06 28.67
C LEU A 21 10.54 -8.73 27.55
N LEU A 22 11.25 -9.18 26.52
CA LEU A 22 10.56 -9.78 25.38
C LEU A 22 10.02 -11.16 25.73
N GLU A 23 8.73 -11.37 25.48
CA GLU A 23 8.09 -12.65 25.68
C GLU A 23 7.58 -13.15 24.35
N LYS A 24 7.09 -14.39 24.36
CA LYS A 24 6.37 -14.92 23.22
C LYS A 24 5.03 -14.21 23.08
N CYS A 25 4.58 -14.00 21.85
CA CYS A 25 3.28 -13.39 21.60
C CYS A 25 2.19 -14.46 21.60
N ASP A 26 1.19 -14.27 22.46
CA ASP A 26 0.12 -15.24 22.67
C ASP A 26 -1.21 -14.48 22.63
N LEU A 27 -1.84 -14.46 21.45
CA LEU A 27 -3.04 -13.68 21.22
C LEU A 27 -4.29 -14.50 21.53
N GLN A 28 -5.22 -13.87 22.26
CA GLN A 28 -6.44 -14.54 22.68
C GLN A 28 -7.24 -15.06 21.49
N ASN A 29 -7.28 -14.31 20.40
CA ASN A 29 -8.08 -14.68 19.24
C ASN A 29 -7.21 -15.22 18.10
N TYR A 30 -6.04 -15.78 18.41
CA TYR A 30 -5.16 -16.33 17.38
C TYR A 30 -5.90 -17.38 16.55
N GLY A 31 -5.76 -17.26 15.23
CA GLY A 31 -6.40 -18.19 14.32
C GLY A 31 -7.76 -17.77 13.83
N ASP A 32 -8.47 -16.92 14.57
CA ASP A 32 -9.72 -16.36 14.08
C ASP A 32 -9.47 -15.48 12.86
N SER A 33 -10.46 -15.41 11.99
CA SER A 33 -10.41 -14.55 10.80
C SER A 33 -11.61 -13.62 10.81
N ALA A 34 -11.41 -12.41 10.31
CA ALA A 34 -12.50 -11.46 10.15
C ALA A 34 -13.34 -11.84 8.93
N THR A 35 -14.62 -11.55 9.00
N THR A 35 -14.62 -11.51 8.98
CA THR A 35 -15.50 -11.71 7.85
CA THR A 35 -15.44 -11.67 7.79
C THR A 35 -15.39 -10.46 6.98
C THR A 35 -15.27 -10.42 6.93
N LEU A 36 -14.82 -10.61 5.76
CA LEU A 36 -14.59 -9.48 4.88
C LEU A 36 -15.82 -9.22 4.02
N PRO A 37 -16.02 -7.99 3.55
CA PRO A 37 -17.10 -7.73 2.60
C PRO A 37 -16.95 -8.61 1.38
N LYS A 38 -18.09 -8.97 0.78
CA LYS A 38 -18.11 -9.92 -0.33
C LYS A 38 -17.11 -9.54 -1.41
N GLY A 39 -16.23 -10.49 -1.74
CA GLY A 39 -15.30 -10.33 -2.83
C GLY A 39 -14.09 -9.45 -2.55
N ILE A 40 -13.88 -9.02 -1.30
CA ILE A 40 -12.79 -8.12 -0.95
C ILE A 40 -11.61 -8.93 -0.42
N MET A 41 -10.41 -8.66 -0.94
CA MET A 41 -9.18 -9.32 -0.51
C MET A 41 -8.72 -8.81 0.85
N MET A 42 -8.16 -9.72 1.65
CA MET A 42 -7.56 -9.32 2.93
C MET A 42 -6.62 -8.13 2.77
N ASN A 43 -5.77 -8.13 1.75
CA ASN A 43 -4.80 -7.05 1.69
C ASN A 43 -5.40 -5.73 1.21
N VAL A 44 -6.51 -5.76 0.47
CA VAL A 44 -7.23 -4.51 0.23
C VAL A 44 -7.82 -3.97 1.52
N ALA A 45 -8.46 -4.84 2.32
CA ALA A 45 -9.05 -4.41 3.58
C ALA A 45 -7.97 -3.87 4.52
N LYS A 46 -6.83 -4.56 4.56
CA LYS A 46 -5.74 -4.18 5.46
C LYS A 46 -5.18 -2.82 5.10
N TYR A 47 -4.86 -2.62 3.82
CA TYR A 47 -4.34 -1.32 3.41
C TYR A 47 -5.39 -0.23 3.53
N THR A 48 -6.66 -0.55 3.32
CA THR A 48 -7.70 0.46 3.50
C THR A 48 -7.69 0.96 4.94
N GLN A 49 -7.63 0.03 5.91
CA GLN A 49 -7.65 0.46 7.30
C GLN A 49 -6.38 1.20 7.67
N LEU A 50 -5.23 0.78 7.12
CA LEU A 50 -3.99 1.52 7.33
C LEU A 50 -4.13 2.97 6.85
N CYS A 51 -4.66 3.14 5.63
CA CYS A 51 -4.82 4.49 5.09
C CYS A 51 -5.84 5.29 5.88
N GLN A 52 -6.93 4.64 6.31
CA GLN A 52 -7.90 5.32 7.17
C GLN A 52 -7.24 5.84 8.44
N TYR A 53 -6.31 5.06 9.01
CA TYR A 53 -5.63 5.56 10.22
C TYR A 53 -4.64 6.68 9.87
N LEU A 54 -3.90 6.52 8.76
CA LEU A 54 -2.97 7.56 8.34
C LEU A 54 -3.68 8.89 8.12
N ASN A 55 -4.96 8.86 7.72
CA ASN A 55 -5.73 10.09 7.57
C ASN A 55 -5.82 10.89 8.87
N THR A 56 -5.64 10.26 10.02
CA THR A 56 -5.76 10.96 11.30
C THR A 56 -4.45 11.58 11.75
N LEU A 57 -3.36 11.40 11.02
CA LEU A 57 -2.05 11.92 11.41
C LEU A 57 -1.74 13.21 10.65
N THR A 58 -0.69 13.91 11.06
CA THR A 58 -0.27 15.16 10.42
C THR A 58 0.67 14.91 9.24
N LEU A 59 0.23 14.05 8.31
CA LEU A 59 1.00 13.77 7.11
C LEU A 59 1.22 15.03 6.29
N ALA A 60 2.43 15.20 5.77
CA ALA A 60 2.68 16.24 4.77
C ALA A 60 2.21 15.75 3.41
N VAL A 61 1.38 16.55 2.74
CA VAL A 61 0.82 16.14 1.45
C VAL A 61 1.05 17.27 0.45
N PRO A 62 2.23 17.33 -0.17
CA PRO A 62 2.55 18.43 -1.09
C PRO A 62 2.01 18.13 -2.49
N TYR A 63 2.00 19.17 -3.32
CA TYR A 63 1.94 18.93 -4.76
C TYR A 63 3.20 18.19 -5.18
N ASN A 64 3.09 17.42 -6.27
N ASN A 64 3.10 17.43 -6.26
CA ASN A 64 4.21 16.63 -6.78
CA ASN A 64 4.23 16.63 -6.77
C ASN A 64 4.69 15.63 -5.72
C ASN A 64 4.69 15.62 -5.72
N MET A 65 3.74 15.04 -5.00
CA MET A 65 4.07 14.10 -3.95
C MET A 65 4.64 12.83 -4.55
N ARG A 66 5.59 12.21 -3.85
CA ARG A 66 6.19 10.97 -4.34
C ARG A 66 6.22 9.95 -3.21
N VAL A 67 5.77 8.74 -3.55
CA VAL A 67 5.54 7.67 -2.59
C VAL A 67 6.19 6.41 -3.16
N ILE A 68 6.86 5.65 -2.29
CA ILE A 68 7.46 4.39 -2.72
C ILE A 68 6.92 3.27 -1.84
N HIS A 69 6.64 2.13 -2.46
CA HIS A 69 5.93 1.03 -1.80
C HIS A 69 6.73 -0.27 -2.00
N PHE A 70 7.38 -0.75 -0.93
CA PHE A 70 8.16 -1.98 -0.97
C PHE A 70 7.31 -3.17 -0.54
N GLY A 71 7.67 -4.35 -1.05
CA GLY A 71 6.92 -5.56 -0.77
C GLY A 71 5.51 -5.53 -1.33
N ALA A 72 5.35 -4.98 -2.52
CA ALA A 72 4.04 -4.72 -3.11
C ALA A 72 3.46 -5.89 -3.88
N GLY A 73 4.24 -6.92 -4.17
CA GLY A 73 3.71 -8.05 -4.90
C GLY A 73 2.93 -8.97 -3.96
N SER A 74 2.17 -9.88 -4.55
CA SER A 74 1.45 -10.89 -3.79
C SER A 74 1.66 -12.24 -4.46
N ASP A 75 1.33 -13.30 -3.73
CA ASP A 75 1.39 -14.62 -4.35
C ASP A 75 0.36 -14.77 -5.46
N LYS A 76 -0.51 -13.77 -5.65
CA LYS A 76 -1.46 -13.74 -6.76
C LYS A 76 -0.89 -13.07 -8.02
N GLY A 77 0.29 -12.46 -7.94
CA GLY A 77 0.87 -11.78 -9.08
C GLY A 77 0.27 -10.41 -9.37
N VAL A 78 -0.54 -9.87 -8.45
CA VAL A 78 -1.08 -8.52 -8.58
C VAL A 78 -0.67 -7.74 -7.33
N ALA A 79 -1.09 -6.47 -7.22
CA ALA A 79 -0.62 -5.57 -6.18
C ALA A 79 -1.81 -4.90 -5.52
N PRO A 80 -2.54 -5.61 -4.66
CA PRO A 80 -3.72 -5.02 -4.03
C PRO A 80 -3.41 -3.78 -3.21
N GLY A 81 -2.33 -3.82 -2.43
CA GLY A 81 -1.99 -2.67 -1.60
C GLY A 81 -1.65 -1.45 -2.42
N THR A 82 -0.92 -1.63 -3.53
CA THR A 82 -0.65 -0.50 -4.42
C THR A 82 -1.94 0.10 -4.94
N ALA A 83 -2.90 -0.73 -5.32
CA ALA A 83 -4.17 -0.21 -5.80
C ALA A 83 -4.87 0.63 -4.73
N VAL A 84 -4.82 0.20 -3.46
CA VAL A 84 -5.41 1.01 -2.40
C VAL A 84 -4.63 2.32 -2.22
N LEU A 85 -3.29 2.25 -2.20
CA LEU A 85 -2.50 3.46 -2.04
C LEU A 85 -2.81 4.45 -3.14
N ARG A 86 -2.95 3.99 -4.37
CA ARG A 86 -3.23 4.91 -5.47
C ARG A 86 -4.63 5.48 -5.37
N GLN A 87 -5.58 4.72 -4.83
CA GLN A 87 -6.91 5.26 -4.56
C GLN A 87 -6.83 6.37 -3.51
N TRP A 88 -6.08 6.10 -2.44
CA TRP A 88 -6.02 6.99 -1.29
C TRP A 88 -5.27 8.29 -1.61
N LEU A 89 -4.12 8.17 -2.28
CA LEU A 89 -3.25 9.33 -2.54
C LEU A 89 -3.91 10.27 -3.54
N PRO A 90 -3.63 11.57 -3.46
CA PRO A 90 -4.18 12.50 -4.45
C PRO A 90 -3.82 12.08 -5.87
N THR A 91 -4.75 12.33 -6.79
CA THR A 91 -4.50 12.04 -8.19
C THR A 91 -3.26 12.80 -8.65
N GLY A 92 -2.39 12.10 -9.39
CA GLY A 92 -1.14 12.68 -9.80
C GLY A 92 0.04 12.37 -8.91
N THR A 93 -0.20 11.84 -7.70
CA THR A 93 0.89 11.43 -6.84
C THR A 93 1.75 10.40 -7.56
N LEU A 94 3.07 10.63 -7.59
CA LEU A 94 3.97 9.66 -8.19
C LEU A 94 4.13 8.47 -7.25
N LEU A 95 3.83 7.26 -7.76
CA LEU A 95 3.81 6.06 -6.93
C LEU A 95 4.71 5.03 -7.58
N VAL A 96 5.74 4.62 -6.85
CA VAL A 96 6.66 3.56 -7.29
C VAL A 96 6.50 2.38 -6.36
N ASP A 97 6.47 1.17 -6.90
CA ASP A 97 6.44 0.01 -6.02
C ASP A 97 7.46 -1.02 -6.48
N SER A 98 7.61 -2.06 -5.67
CA SER A 98 8.73 -2.97 -5.84
C SER A 98 8.46 -4.25 -5.07
N ASP A 99 8.98 -5.35 -5.58
N ASP A 99 8.99 -5.36 -5.58
CA ASP A 99 9.00 -6.58 -4.82
CA ASP A 99 8.92 -6.63 -4.89
C ASP A 99 10.02 -7.54 -5.41
C ASP A 99 10.04 -7.53 -5.41
N LEU A 100 10.34 -8.57 -4.64
CA LEU A 100 11.33 -9.55 -5.07
C LEU A 100 10.86 -10.30 -6.31
N ASN A 101 9.57 -10.56 -6.43
CA ASN A 101 9.04 -11.41 -7.50
C ASN A 101 8.09 -10.62 -8.39
N ASP A 102 8.00 -11.04 -9.65
N ASP A 102 8.02 -11.04 -9.66
CA ASP A 102 7.27 -10.29 -10.66
CA ASP A 102 7.21 -10.37 -10.66
C ASP A 102 5.78 -10.23 -10.32
C ASP A 102 5.78 -10.19 -10.18
N PHE A 103 5.17 -9.07 -10.58
CA PHE A 103 3.76 -8.85 -10.32
C PHE A 103 3.28 -7.74 -11.25
N VAL A 104 1.96 -7.68 -11.40
CA VAL A 104 1.29 -6.69 -12.24
C VAL A 104 0.76 -5.58 -11.33
N SER A 105 1.01 -4.31 -11.70
CA SER A 105 0.82 -3.20 -10.77
C SER A 105 0.16 -2.00 -11.45
N ASP A 106 -0.57 -1.21 -10.65
CA ASP A 106 -1.07 0.10 -11.05
C ASP A 106 -0.11 1.23 -10.73
N ALA A 107 1.06 0.94 -10.19
CA ALA A 107 2.01 2.00 -9.88
C ALA A 107 2.54 2.64 -11.16
N ASP A 108 3.01 3.89 -11.03
CA ASP A 108 3.63 4.58 -12.17
C ASP A 108 4.88 3.86 -12.64
N SER A 109 5.59 3.19 -11.74
CA SER A 109 6.74 2.39 -12.15
C SER A 109 6.93 1.29 -11.11
N THR A 110 7.40 0.14 -11.58
CA THR A 110 7.58 -1.03 -10.73
C THR A 110 8.98 -1.60 -10.94
N LEU A 111 9.69 -1.85 -9.84
CA LEU A 111 11.01 -2.47 -9.91
C LEU A 111 10.94 -3.86 -9.30
N ILE A 112 11.44 -4.87 -10.02
CA ILE A 112 11.43 -6.25 -9.56
C ILE A 112 12.86 -6.64 -9.17
N GLY A 113 13.03 -7.03 -7.92
CA GLY A 113 14.32 -7.48 -7.41
C GLY A 113 14.35 -7.33 -5.92
N ASP A 114 15.43 -7.83 -5.32
CA ASP A 114 15.66 -7.58 -3.90
C ASP A 114 15.67 -6.08 -3.63
N CYS A 115 15.04 -5.67 -2.53
CA CYS A 115 14.95 -4.24 -2.23
C CYS A 115 16.33 -3.60 -2.11
N ALA A 116 17.32 -4.38 -1.69
CA ALA A 116 18.68 -3.87 -1.58
C ALA A 116 19.25 -3.40 -2.92
N THR A 117 18.71 -3.89 -4.05
CA THR A 117 19.15 -3.43 -5.36
C THR A 117 18.55 -2.08 -5.77
N VAL A 118 17.59 -1.56 -5.02
CA VAL A 118 16.81 -0.39 -5.45
C VAL A 118 17.57 0.89 -5.07
N HIS A 119 17.73 1.78 -6.05
CA HIS A 119 18.34 3.09 -5.82
C HIS A 119 17.46 4.18 -6.43
N THR A 120 17.42 5.33 -5.77
CA THR A 120 16.65 6.46 -6.29
C THR A 120 17.48 7.73 -6.17
N ALA A 121 17.41 8.55 -7.21
CA ALA A 121 18.10 9.84 -7.20
C ALA A 121 17.39 10.82 -6.26
N ASN A 122 16.07 10.74 -6.19
CA ASN A 122 15.24 11.70 -5.47
C ASN A 122 14.94 11.22 -4.05
N LYS A 123 14.43 12.14 -3.23
CA LYS A 123 13.88 11.80 -1.93
C LYS A 123 12.36 11.62 -2.04
N TRP A 124 11.78 11.06 -0.96
CA TRP A 124 10.40 10.58 -0.96
C TRP A 124 9.63 11.23 0.18
N ASP A 125 8.32 11.40 -0.03
CA ASP A 125 7.46 12.00 0.99
C ASP A 125 6.81 10.94 1.88
N LEU A 126 6.69 9.71 1.40
CA LEU A 126 6.06 8.64 2.16
C LEU A 126 6.68 7.33 1.70
N ILE A 127 7.06 6.49 2.66
CA ILE A 127 7.57 5.15 2.38
C ILE A 127 6.66 4.14 3.06
N ILE A 128 6.13 3.21 2.27
CA ILE A 128 5.29 2.11 2.76
C ILE A 128 6.03 0.81 2.49
N SER A 129 6.07 -0.08 3.47
CA SER A 129 6.69 -1.39 3.27
C SER A 129 5.78 -2.47 3.82
N ASP A 130 5.49 -3.46 2.99
CA ASP A 130 4.83 -4.67 3.46
C ASP A 130 5.76 -5.86 3.32
N MET A 131 7.06 -5.61 3.22
CA MET A 131 8.01 -6.72 3.04
C MET A 131 7.93 -7.64 4.24
N TYR A 132 8.02 -8.93 3.96
CA TYR A 132 7.82 -9.95 4.98
C TYR A 132 8.32 -11.27 4.40
N ASP A 133 9.05 -12.03 5.21
CA ASP A 133 9.49 -13.37 4.83
C ASP A 133 8.93 -14.33 5.87
N PRO A 134 7.98 -15.18 5.51
CA PRO A 134 7.39 -16.08 6.53
C PRO A 134 8.42 -16.99 7.19
N LYS A 135 9.58 -17.22 6.57
CA LYS A 135 10.60 -18.03 7.21
C LYS A 135 11.25 -17.34 8.41
N THR A 136 10.94 -16.07 8.68
CA THR A 136 11.41 -15.47 9.93
C THR A 136 10.63 -15.99 11.12
N LYS A 137 9.38 -16.40 10.91
CA LYS A 137 8.53 -16.85 12.00
C LYS A 137 8.95 -18.26 12.40
N ASN A 138 9.65 -18.37 13.52
CA ASN A 138 10.09 -19.66 14.03
C ASN A 138 9.91 -19.62 15.55
N VAL A 139 8.81 -20.19 16.03
CA VAL A 139 8.51 -20.15 17.45
C VAL A 139 9.39 -21.07 18.29
N THR A 140 10.22 -21.89 17.65
CA THR A 140 11.11 -22.77 18.40
C THR A 140 12.48 -22.15 18.66
N LYS A 141 12.77 -20.99 18.09
CA LYS A 141 14.07 -20.33 18.23
C LYS A 141 13.91 -18.97 18.89
N GLU A 142 15.01 -18.49 19.46
CA GLU A 142 15.04 -17.16 20.04
C GLU A 142 14.66 -16.10 19.01
N ASN A 143 14.05 -15.01 19.49
CA ASN A 143 13.51 -13.98 18.62
C ASN A 143 14.41 -12.75 18.73
N ASP A 144 15.45 -12.70 17.92
N ASP A 144 15.44 -12.71 17.89
CA ASP A 144 16.38 -11.58 17.92
CA ASP A 144 16.42 -11.63 17.85
C ASP A 144 16.04 -10.60 16.81
C ASP A 144 16.01 -10.59 16.80
N SER A 145 16.59 -9.39 16.93
CA SER A 145 16.39 -8.37 15.92
C SER A 145 16.86 -8.87 14.57
N LYS A 146 16.06 -8.63 13.53
CA LYS A 146 16.33 -9.15 12.19
C LYS A 146 17.00 -8.08 11.33
N GLU A 147 17.91 -8.52 10.47
CA GLU A 147 18.55 -7.57 9.57
C GLU A 147 17.89 -7.63 8.20
N GLY A 148 18.59 -8.12 7.19
CA GLY A 148 17.95 -8.34 5.89
C GLY A 148 17.38 -7.05 5.32
N PHE A 149 16.12 -7.10 4.86
CA PHE A 149 15.53 -5.88 4.30
C PHE A 149 15.35 -4.78 5.34
N PHE A 150 15.34 -5.09 6.64
CA PHE A 150 15.23 -4.03 7.63
C PHE A 150 16.47 -3.14 7.64
N THR A 151 17.64 -3.73 7.41
CA THR A 151 18.85 -2.94 7.29
C THR A 151 18.76 -1.98 6.12
N TYR A 152 18.26 -2.47 4.98
CA TYR A 152 18.04 -1.59 3.84
C TYR A 152 17.08 -0.46 4.18
N ILE A 153 15.94 -0.80 4.81
CA ILE A 153 14.90 0.20 5.08
C ILE A 153 15.43 1.31 5.98
N CYS A 154 16.21 0.95 7.01
CA CYS A 154 16.77 1.97 7.90
C CYS A 154 17.68 2.92 7.13
N GLY A 155 18.56 2.37 6.30
CA GLY A 155 19.44 3.23 5.53
C GLY A 155 18.66 4.07 4.52
N PHE A 156 17.64 3.47 3.91
CA PHE A 156 16.85 4.16 2.90
C PHE A 156 16.12 5.35 3.50
N ILE A 157 15.51 5.17 4.68
CA ILE A 157 14.85 6.28 5.37
C ILE A 157 15.85 7.40 5.63
N GLN A 158 17.01 7.06 6.18
CA GLN A 158 17.95 8.10 6.55
C GLN A 158 18.53 8.83 5.35
N GLN A 159 18.64 8.15 4.20
CA GLN A 159 19.22 8.79 3.02
C GLN A 159 18.20 9.39 2.08
N LYS A 160 16.99 8.84 2.03
CA LYS A 160 16.06 9.20 0.97
C LYS A 160 14.66 9.63 1.42
N LEU A 161 14.39 9.70 2.73
CA LEU A 161 13.11 10.24 3.18
C LEU A 161 13.26 11.74 3.38
N ALA A 162 12.41 12.53 2.72
CA ALA A 162 12.43 13.97 2.90
C ALA A 162 12.08 14.31 4.34
N LEU A 163 12.72 15.33 4.88
CA LEU A 163 12.29 15.83 6.18
C LEU A 163 10.83 16.24 6.11
N GLY A 164 10.07 15.87 7.14
CA GLY A 164 8.63 16.03 7.12
C GLY A 164 7.89 14.83 6.59
N GLY A 165 8.56 13.94 5.88
CA GLY A 165 7.94 12.74 5.36
C GLY A 165 7.62 11.75 6.46
N SER A 166 6.92 10.68 6.06
CA SER A 166 6.44 9.67 7.00
C SER A 166 6.65 8.28 6.44
N VAL A 167 6.58 7.27 7.33
CA VAL A 167 6.75 5.89 6.93
C VAL A 167 5.70 5.03 7.62
N ALA A 168 5.40 3.90 6.99
CA ALA A 168 4.66 2.80 7.62
C ALA A 168 5.31 1.50 7.18
N ILE A 169 5.93 0.80 8.13
CA ILE A 169 6.73 -0.39 7.87
C ILE A 169 6.08 -1.56 8.60
N LYS A 170 5.72 -2.59 7.84
CA LYS A 170 5.09 -3.76 8.46
C LYS A 170 6.10 -4.54 9.29
N ILE A 171 5.71 -4.87 10.52
CA ILE A 171 6.44 -5.77 11.40
C ILE A 171 5.49 -6.85 11.89
N THR A 172 6.06 -7.87 12.54
CA THR A 172 5.31 -8.92 13.23
C THR A 172 6.08 -9.25 14.51
N GLU A 173 5.62 -10.28 15.23
CA GLU A 173 6.36 -10.72 16.41
C GLU A 173 7.81 -11.02 16.06
N HIS A 174 8.03 -11.78 14.98
CA HIS A 174 9.37 -12.22 14.63
C HIS A 174 10.03 -11.39 13.53
N SER A 175 9.27 -10.61 12.77
CA SER A 175 9.83 -9.77 11.70
C SER A 175 9.92 -8.33 12.22
N TRP A 176 11.06 -7.98 12.79
CA TRP A 176 11.24 -6.67 13.41
C TRP A 176 12.74 -6.39 13.46
N ASN A 177 13.07 -5.13 13.79
CA ASN A 177 14.46 -4.68 13.79
C ASN A 177 14.62 -3.56 14.81
N ALA A 178 15.64 -3.68 15.67
CA ALA A 178 15.78 -2.74 16.79
C ALA A 178 16.15 -1.34 16.31
N ASP A 179 16.99 -1.23 15.28
CA ASP A 179 17.35 0.08 14.75
C ASP A 179 16.16 0.80 14.13
N LEU A 180 15.22 0.05 13.54
CA LEU A 180 14.04 0.70 12.99
C LEU A 180 13.19 1.32 14.09
N TYR A 181 13.01 0.62 15.22
CA TYR A 181 12.38 1.25 16.37
C TYR A 181 13.17 2.47 16.85
N LYS A 182 14.51 2.34 16.90
CA LYS A 182 15.32 3.48 17.30
C LYS A 182 15.08 4.66 16.37
N LEU A 183 14.94 4.38 15.08
CA LEU A 183 14.72 5.43 14.09
C LEU A 183 13.36 6.11 14.27
N MET A 184 12.37 5.42 14.87
CA MET A 184 11.11 6.08 15.19
C MET A 184 11.31 7.30 16.08
N GLY A 185 12.36 7.30 16.90
CA GLY A 185 12.68 8.49 17.67
C GLY A 185 13.23 9.66 16.86
N HIS A 186 13.41 9.48 15.56
CA HIS A 186 13.82 10.57 14.67
C HIS A 186 12.64 11.21 13.94
N PHE A 187 11.42 10.87 14.34
CA PHE A 187 10.21 11.46 13.80
C PHE A 187 9.53 12.29 14.90
N ALA A 188 8.68 13.23 14.48
CA ALA A 188 7.97 14.03 15.46
C ALA A 188 7.07 13.16 16.34
N TRP A 189 6.59 12.04 15.81
CA TRP A 189 5.69 11.17 16.54
C TRP A 189 5.76 9.81 15.87
N TRP A 190 5.40 8.77 16.62
CA TRP A 190 5.46 7.42 16.08
C TRP A 190 4.46 6.54 16.82
N THR A 191 4.08 5.43 16.19
CA THR A 191 3.26 4.43 16.86
C THR A 191 3.41 3.09 16.15
N ALA A 192 2.85 2.05 16.77
CA ALA A 192 2.60 0.77 16.12
C ALA A 192 1.10 0.60 15.96
N PHE A 193 0.65 0.37 14.72
CA PHE A 193 -0.78 0.33 14.42
C PHE A 193 -1.18 -1.06 13.94
N VAL A 194 -2.24 -1.59 14.55
CA VAL A 194 -2.80 -2.90 14.25
C VAL A 194 -4.11 -2.69 13.51
N THR A 195 -4.25 -3.23 12.29
CA THR A 195 -5.52 -3.10 11.60
C THR A 195 -6.56 -3.99 12.26
N ASN A 196 -7.80 -3.51 12.31
CA ASN A 196 -8.86 -4.29 12.94
C ASN A 196 -9.17 -5.57 12.18
N VAL A 197 -9.02 -5.57 10.84
CA VAL A 197 -9.29 -6.81 10.11
C VAL A 197 -8.24 -7.88 10.37
N ASN A 198 -7.05 -7.50 10.85
CA ASN A 198 -6.00 -8.48 11.07
C ASN A 198 -5.61 -8.53 12.55
N ALA A 199 -6.57 -8.21 13.43
CA ALA A 199 -6.28 -8.07 14.86
C ALA A 199 -5.80 -9.36 15.51
N SER A 200 -6.05 -10.52 14.90
CA SER A 200 -5.65 -11.79 15.47
C SER A 200 -4.23 -12.17 15.07
N SER A 201 -3.50 -11.27 14.43
CA SER A 201 -2.12 -11.49 14.02
C SER A 201 -1.21 -10.58 14.82
N SER A 202 0.03 -10.99 15.03
CA SER A 202 1.00 -10.11 15.69
C SER A 202 1.53 -9.03 14.75
N GLU A 203 1.10 -9.03 13.49
CA GLU A 203 1.40 -7.91 12.59
C GLU A 203 1.05 -6.55 13.21
N ALA A 204 1.89 -5.56 12.92
CA ALA A 204 1.54 -4.16 13.08
C ALA A 204 2.27 -3.37 11.99
N PHE A 205 1.83 -2.14 11.77
CA PHE A 205 2.57 -1.18 10.97
C PHE A 205 3.25 -0.20 11.90
N LEU A 206 4.59 -0.20 11.87
N LEU A 206 4.58 -0.15 11.81
CA LEU A 206 5.35 0.82 12.58
CA LEU A 206 5.37 0.80 12.60
C LEU A 206 5.31 2.10 11.77
C LEU A 206 5.40 2.12 11.82
N ILE A 207 4.73 3.15 12.35
CA ILE A 207 4.51 4.41 11.65
C ILE A 207 5.38 5.48 12.28
N GLY A 208 6.20 6.13 11.44
CA GLY A 208 6.93 7.31 11.85
C GLY A 208 6.32 8.52 11.19
N CYS A 209 5.89 9.51 11.98
CA CYS A 209 5.12 10.65 11.48
C CYS A 209 5.97 11.91 11.53
N ASN A 210 6.32 12.44 10.35
CA ASN A 210 7.08 13.68 10.16
C ASN A 210 8.55 13.53 10.55
N TYR A 211 9.37 13.16 9.58
CA TYR A 211 10.79 12.86 9.79
C TYR A 211 11.57 14.14 10.10
N LEU A 212 12.34 14.11 11.20
CA LEU A 212 13.14 15.25 11.61
C LEU A 212 14.60 15.14 11.25
N GLY A 213 15.07 13.97 10.82
CA GLY A 213 16.45 13.83 10.42
C GLY A 213 17.45 13.78 11.55
N LYS A 214 16.99 13.66 12.79
CA LYS A 214 17.86 13.55 13.95
C LYS A 214 17.03 13.03 15.10
N PRO A 215 17.65 12.48 16.14
CA PRO A 215 16.87 11.92 17.26
C PRO A 215 16.16 13.03 18.03
N ARG A 216 14.84 12.94 18.09
CA ARG A 216 14.09 13.70 19.06
C ARG A 216 14.10 13.01 20.41
N GLU A 217 14.29 11.69 20.40
CA GLU A 217 14.20 10.85 21.58
C GLU A 217 15.06 9.62 21.34
N GLN A 218 15.74 9.15 22.39
CA GLN A 218 16.56 7.93 22.29
C GLN A 218 15.69 6.75 22.67
N ILE A 219 15.45 5.86 21.71
CA ILE A 219 14.64 4.66 21.89
C ILE A 219 15.56 3.45 21.82
N ASP A 220 15.46 2.56 22.80
CA ASP A 220 16.09 1.25 22.78
C ASP A 220 15.12 0.31 22.05
N GLY A 221 15.50 -0.12 20.84
CA GLY A 221 14.58 -0.87 20.02
C GLY A 221 14.30 -2.28 20.51
N TYR A 222 15.25 -2.87 21.25
CA TYR A 222 14.99 -4.17 21.88
C TYR A 222 13.89 -4.05 22.92
N VAL A 223 14.03 -3.07 23.81
CA VAL A 223 12.98 -2.83 24.81
C VAL A 223 11.66 -2.44 24.12
N MET A 224 11.73 -1.60 23.08
CA MET A 224 10.46 -1.14 22.50
C MET A 224 9.70 -2.29 21.85
N HIS A 225 10.41 -3.24 21.22
CA HIS A 225 9.67 -4.38 20.67
C HIS A 225 9.06 -5.21 21.80
N ALA A 226 9.79 -5.35 22.91
CA ALA A 226 9.22 -6.05 24.07
C ALA A 226 7.99 -5.32 24.58
N ASN A 227 8.01 -3.99 24.55
CA ASN A 227 6.84 -3.21 24.94
C ASN A 227 5.69 -3.43 23.98
N TYR A 228 6.00 -3.50 22.67
CA TYR A 228 4.95 -3.75 21.68
C TYR A 228 4.29 -5.10 21.92
N ILE A 229 5.09 -6.15 22.14
CA ILE A 229 4.52 -7.49 22.37
C ILE A 229 3.73 -7.53 23.67
N PHE A 230 4.24 -6.89 24.74
CA PHE A 230 3.50 -6.82 25.98
C PHE A 230 2.12 -6.21 25.77
N TRP A 231 2.05 -5.10 25.01
CA TRP A 231 0.77 -4.51 24.67
C TRP A 231 -0.13 -5.52 23.97
N ARG A 232 0.38 -6.17 22.91
CA ARG A 232 -0.44 -7.13 22.16
C ARG A 232 -0.87 -8.29 23.06
N ASN A 233 0.00 -8.73 23.97
CA ASN A 233 -0.33 -9.89 24.80
C ASN A 233 -1.41 -9.59 25.83
N THR A 234 -1.56 -8.32 26.23
CA THR A 234 -2.45 -8.00 27.33
C THR A 234 -3.66 -7.22 26.86
N ASN A 235 -3.77 -6.94 25.56
CA ASN A 235 -4.90 -6.20 25.00
C ASN A 235 -5.43 -6.90 23.76
N PRO A 236 -6.16 -8.00 23.90
CA PRO A 236 -7.02 -8.48 22.81
C PRO A 236 -7.71 -7.34 22.06
N ILE A 237 -7.68 -7.46 20.74
CA ILE A 237 -8.36 -6.56 19.83
C ILE A 237 -9.41 -7.38 19.12
N GLN A 238 -10.67 -6.96 19.21
CA GLN A 238 -11.75 -7.62 18.51
C GLN A 238 -11.59 -7.45 17.01
N LEU A 239 -11.59 -8.57 16.28
CA LEU A 239 -11.58 -8.48 14.82
C LEU A 239 -12.77 -7.65 14.35
N SER A 240 -12.54 -6.76 13.38
CA SER A 240 -13.64 -5.94 12.92
C SER A 240 -13.38 -5.44 11.51
N SER A 241 -14.41 -5.50 10.68
N SER A 241 -14.42 -5.49 10.68
CA SER A 241 -14.39 -4.95 9.33
CA SER A 241 -14.41 -4.95 9.32
C SER A 241 -15.28 -3.72 9.19
C SER A 241 -15.27 -3.70 9.18
N TYR A 242 -15.74 -3.15 10.31
N TYR A 242 -15.80 -3.17 10.29
CA TYR A 242 -16.77 -2.11 10.28
CA TYR A 242 -16.79 -2.10 10.21
C TYR A 242 -16.33 -0.89 9.47
C TYR A 242 -16.30 -0.92 9.38
N SER A 243 -15.08 -0.45 9.64
CA SER A 243 -14.64 0.79 9.02
C SER A 243 -14.60 0.68 7.50
N LEU A 244 -14.57 -0.55 6.96
CA LEU A 244 -14.53 -0.72 5.52
C LEU A 244 -15.83 -0.26 4.86
N PHE A 245 -16.91 -0.19 5.61
CA PHE A 245 -18.20 0.21 5.07
C PHE A 245 -18.41 1.72 5.10
N ASP A 246 -17.39 2.48 5.48
CA ASP A 246 -17.51 3.94 5.54
C ASP A 246 -16.33 4.54 4.80
N MET A 247 -16.51 4.77 3.50
CA MET A 247 -15.44 5.25 2.64
C MET A 247 -15.65 6.70 2.22
N SER A 248 -16.66 7.38 2.77
CA SER A 248 -17.02 8.72 2.31
C SER A 248 -15.86 9.71 2.49
N LYS A 249 -15.06 9.54 3.54
CA LYS A 249 -13.96 10.46 3.82
C LYS A 249 -12.59 9.80 3.61
N PHE A 250 -12.53 8.76 2.76
CA PHE A 250 -11.29 8.03 2.57
C PHE A 250 -10.18 8.84 1.90
N PRO A 251 -10.42 9.59 0.81
CA PRO A 251 -9.29 10.15 0.05
C PRO A 251 -8.43 11.09 0.90
N LEU A 252 -7.12 10.92 0.78
CA LEU A 252 -6.17 11.81 1.43
C LEU A 252 -6.30 13.22 0.87
N LYS A 253 -6.47 14.19 1.76
CA LYS A 253 -6.66 15.57 1.32
C LYS A 253 -5.34 16.13 0.80
N LEU A 254 -5.39 16.68 -0.41
CA LEU A 254 -4.25 17.36 -1.00
C LEU A 254 -3.98 18.64 -0.23
N ARG A 255 -3.18 18.55 0.82
CA ARG A 255 -2.92 19.71 1.67
C ARG A 255 -2.10 20.77 0.94
N GLY A 256 -1.31 20.40 -0.07
CA GLY A 256 -0.47 21.37 -0.76
C GLY A 256 0.66 21.89 0.09
N THR A 257 1.09 21.10 1.08
CA THR A 257 2.21 21.36 1.98
C THR A 257 3.40 21.94 1.23
N ALA A 258 4.07 22.92 1.83
CA ALA A 258 5.19 23.57 1.17
C ALA A 258 6.37 22.62 1.02
N VAL A 259 7.08 22.75 -0.10
CA VAL A 259 8.33 22.02 -0.34
C VAL A 259 9.44 23.05 -0.48
N MET A 260 10.50 22.87 0.30
CA MET A 260 11.65 23.76 0.25
C MET A 260 12.94 22.95 0.20
N SER A 261 13.89 23.42 -0.56
CA SER A 261 15.23 22.84 -0.57
C SER A 261 16.07 23.67 0.40
N LEU A 262 16.37 23.10 1.57
CA LEU A 262 17.17 23.76 2.60
C LEU A 262 18.43 22.95 2.87
N LYS A 263 19.51 23.66 3.14
CA LYS A 263 20.76 23.06 3.57
C LYS A 263 20.73 22.85 5.09
N GLU A 264 21.56 21.91 5.55
CA GLU A 264 21.51 21.49 6.96
C GLU A 264 21.66 22.66 7.92
N GLY A 265 22.52 23.62 7.59
CA GLY A 265 22.71 24.77 8.47
C GLY A 265 21.47 25.63 8.61
N GLN A 266 20.51 25.49 7.70
CA GLN A 266 19.33 26.35 7.69
C GLN A 266 18.16 25.79 8.48
N ILE A 267 18.29 24.59 9.05
CA ILE A 267 17.16 23.92 9.70
C ILE A 267 17.22 24.31 11.18
N ASN A 268 16.55 25.40 11.51
CA ASN A 268 16.48 25.90 12.87
C ASN A 268 15.27 25.28 13.59
N ASP A 269 14.99 25.78 14.80
CA ASP A 269 13.87 25.26 15.58
C ASP A 269 12.53 25.59 14.95
N MET A 270 12.42 26.75 14.30
CA MET A 270 11.18 27.11 13.63
C MET A 270 10.88 26.16 12.47
N ILE A 271 11.92 25.80 11.69
CA ILE A 271 11.75 24.81 10.64
C ILE A 271 11.34 23.47 11.25
N LEU A 272 12.05 23.04 12.30
CA LEU A 272 11.72 21.77 12.94
C LEU A 272 10.28 21.78 13.44
N SER A 273 9.82 22.93 13.93
CA SER A 273 8.43 23.02 14.36
C SER A 273 7.48 22.84 13.19
N LEU A 274 7.73 23.52 12.07
CA LEU A 274 6.91 23.34 10.88
C LEU A 274 6.90 21.89 10.42
N LEU A 275 8.08 21.26 10.37
CA LEU A 275 8.16 19.84 10.02
C LEU A 275 7.30 19.00 10.95
N SER A 276 7.36 19.29 12.25
CA SER A 276 6.63 18.51 13.25
C SER A 276 5.12 18.59 13.09
N LYS A 277 4.63 19.62 12.40
CA LYS A 277 3.20 19.84 12.25
C LYS A 277 2.66 19.38 10.91
N GLY A 278 3.47 18.70 10.11
CA GLY A 278 3.04 18.34 8.78
C GLY A 278 2.88 19.50 7.84
N ARG A 279 3.55 20.62 8.12
CA ARG A 279 3.39 21.82 7.32
C ARG A 279 4.57 22.09 6.38
N LEU A 280 5.54 21.19 6.31
CA LEU A 280 6.73 21.47 5.51
C LEU A 280 7.39 20.16 5.08
N ILE A 281 7.86 20.13 3.83
CA ILE A 281 8.66 19.04 3.28
C ILE A 281 9.98 19.65 2.82
N ILE A 282 11.09 19.04 3.19
CA ILE A 282 12.41 19.53 2.77
C ILE A 282 13.03 18.50 1.86
N ARG A 283 13.20 18.89 0.60
CA ARG A 283 13.83 18.08 -0.43
C ARG A 283 13.86 18.91 -1.69
N GLU A 284 14.66 18.43 -2.64
CA GLU A 284 14.60 18.91 -4.00
C GLU A 284 13.24 18.57 -4.62
N ASN A 285 12.82 19.40 -5.58
CA ASN A 285 11.64 19.10 -6.39
C ASN A 285 12.03 18.74 -7.81
N ASN A 286 13.07 17.94 -7.97
CA ASN A 286 13.56 17.55 -9.29
C ASN A 286 12.78 16.33 -9.80
N ARG A 287 13.30 15.72 -10.86
CA ARG A 287 12.67 14.56 -11.46
C ARG A 287 12.83 13.33 -10.57
N VAL A 288 11.88 12.42 -10.68
CA VAL A 288 11.93 11.15 -9.97
C VAL A 288 12.58 10.12 -10.89
N VAL A 289 13.73 9.59 -10.46
CA VAL A 289 14.55 8.70 -11.26
C VAL A 289 14.95 7.53 -10.37
N ILE A 290 14.66 6.31 -10.79
CA ILE A 290 14.88 5.12 -9.99
C ILE A 290 15.66 4.11 -10.82
N SER A 291 16.25 3.12 -10.15
CA SER A 291 16.90 2.02 -10.85
C SER A 291 16.99 0.81 -9.92
N SER A 292 17.27 -0.35 -10.51
CA SER A 292 17.52 -1.56 -9.75
C SER A 292 18.82 -2.19 -10.24
N ASP A 293 19.75 -2.45 -9.33
CA ASP A 293 20.98 -3.12 -9.72
C ASP A 293 20.68 -4.54 -10.17
N VAL A 294 21.30 -4.95 -11.28
CA VAL A 294 21.12 -6.28 -11.83
C VAL A 294 22.47 -6.98 -11.81
N LEU A 295 22.54 -8.11 -11.10
CA LEU A 295 23.73 -8.96 -11.13
C LEU A 295 23.76 -9.75 -12.43
N VAL A 296 24.88 -9.68 -13.14
CA VAL A 296 25.02 -10.31 -14.45
C VAL A 296 25.86 -11.57 -14.30
N ASN A 297 25.35 -12.69 -14.82
CA ASN A 297 25.98 -14.00 -14.74
C ASN A 297 25.89 -14.71 -16.07
N ASN A 298 26.99 -15.35 -16.48
CA ASN A 298 27.04 -16.17 -17.69
C ASN A 298 27.31 -17.60 -17.24
N GLU A 299 26.28 -18.44 -17.30
N GLU A 299 26.27 -18.44 -17.28
CA GLU A 299 26.36 -19.82 -16.84
CA GLU A 299 26.38 -19.83 -16.84
C GLU A 299 26.73 -20.81 -17.96
C GLU A 299 26.68 -20.80 -17.98
N ASN A 300 27.31 -20.32 -19.07
CA ASN A 300 27.64 -21.18 -20.21
C ASN A 300 29.01 -21.83 -20.07
N ALA B 19 4.09 -12.29 -40.27
CA ALA B 19 2.64 -12.10 -40.26
C ALA B 19 1.96 -12.90 -39.14
N PHE B 20 2.72 -13.29 -38.11
CA PHE B 20 2.18 -14.04 -36.98
C PHE B 20 2.26 -13.20 -35.71
N ALA B 21 1.14 -13.15 -34.98
CA ALA B 21 1.09 -12.61 -33.63
C ALA B 21 0.04 -13.40 -32.87
N VAL B 22 0.29 -13.63 -31.57
CA VAL B 22 -0.66 -14.40 -30.77
C VAL B 22 -1.91 -13.57 -30.54
N ASP B 23 -3.08 -14.18 -30.77
CA ASP B 23 -4.37 -13.49 -30.58
C ASP B 23 -4.94 -13.85 -29.21
N ALA B 24 -4.47 -13.14 -28.18
CA ALA B 24 -4.86 -13.45 -26.81
C ALA B 24 -6.34 -13.21 -26.57
N ALA B 25 -6.89 -12.15 -27.15
CA ALA B 25 -8.29 -11.85 -26.95
C ALA B 25 -9.17 -12.97 -27.48
N LYS B 26 -8.86 -13.50 -28.66
CA LYS B 26 -9.65 -14.60 -29.20
C LYS B 26 -9.51 -15.84 -28.34
N ALA B 27 -8.29 -16.11 -27.86
CA ALA B 27 -8.07 -17.29 -27.04
C ALA B 27 -8.89 -17.22 -25.75
N TYR B 28 -8.92 -16.07 -25.10
CA TYR B 28 -9.67 -15.97 -23.86
C TYR B 28 -11.16 -16.08 -24.12
N LYS B 29 -11.66 -15.40 -25.15
CA LYS B 29 -13.07 -15.51 -25.52
C LYS B 29 -13.45 -16.95 -25.83
N ASP B 30 -12.64 -17.62 -26.65
CA ASP B 30 -12.93 -19.03 -26.97
C ASP B 30 -12.88 -19.88 -25.70
N TYR B 31 -11.87 -19.66 -24.86
CA TYR B 31 -11.79 -20.36 -23.59
C TYR B 31 -13.06 -20.15 -22.76
N LEU B 32 -13.53 -18.91 -22.69
CA LEU B 32 -14.75 -18.64 -21.92
C LEU B 32 -15.95 -19.36 -22.52
N ALA B 33 -16.08 -19.31 -23.85
CA ALA B 33 -17.22 -19.90 -24.53
C ALA B 33 -17.26 -21.43 -24.38
N SER B 34 -16.12 -22.06 -24.13
CA SER B 34 -16.08 -23.50 -23.92
C SER B 34 -16.13 -23.87 -22.44
N GLY B 35 -16.43 -22.91 -21.58
CA GLY B 35 -16.68 -23.18 -20.17
C GLY B 35 -15.53 -22.97 -19.23
N GLY B 36 -14.45 -22.31 -19.67
CA GLY B 36 -13.33 -22.07 -18.78
C GLY B 36 -13.68 -21.09 -17.68
N GLN B 37 -13.00 -21.23 -16.54
CA GLN B 37 -13.26 -20.36 -15.41
C GLN B 37 -12.64 -18.99 -15.64
N PRO B 38 -13.37 -17.91 -15.41
CA PRO B 38 -12.81 -16.56 -15.62
C PRO B 38 -11.53 -16.36 -14.82
N ILE B 39 -10.66 -15.50 -15.37
CA ILE B 39 -9.50 -15.05 -14.63
C ILE B 39 -9.93 -14.45 -13.31
N THR B 40 -9.24 -14.82 -12.24
CA THR B 40 -9.57 -14.36 -10.90
C THR B 40 -8.48 -13.43 -10.36
N ASN B 41 -8.62 -13.09 -9.08
CA ASN B 41 -7.72 -12.19 -8.37
C ASN B 41 -7.66 -10.80 -9.02
N CYS B 42 -8.73 -10.41 -9.71
CA CYS B 42 -8.91 -9.00 -10.02
C CYS B 42 -9.12 -8.26 -8.71
N VAL B 43 -8.50 -7.08 -8.58
CA VAL B 43 -8.42 -6.37 -7.29
C VAL B 43 -9.64 -5.47 -7.14
N LYS B 44 -10.61 -5.91 -6.35
CA LYS B 44 -11.80 -5.10 -6.10
C LYS B 44 -11.55 -4.08 -4.99
N MET B 45 -11.93 -2.82 -5.22
CA MET B 45 -11.71 -1.74 -4.27
C MET B 45 -12.94 -1.54 -3.38
N LEU B 46 -12.68 -1.10 -2.14
CA LEU B 46 -13.75 -0.56 -1.32
C LEU B 46 -14.03 0.88 -1.74
N CYS B 47 -15.32 1.22 -1.83
CA CYS B 47 -15.73 2.56 -2.24
C CYS B 47 -17.18 2.77 -1.83
N THR B 48 -17.66 4.01 -1.96
CA THR B 48 -19.02 4.30 -1.50
C THR B 48 -20.08 3.78 -2.45
N HIS B 49 -19.71 3.47 -3.69
CA HIS B 49 -20.68 3.14 -4.74
C HIS B 49 -21.67 4.27 -4.99
N THR B 50 -21.21 5.51 -4.84
CA THR B 50 -22.00 6.68 -5.22
C THR B 50 -21.30 7.50 -6.29
N GLY B 51 -20.43 6.88 -7.09
CA GLY B 51 -19.64 7.59 -8.08
C GLY B 51 -20.40 7.84 -9.37
N THR B 52 -19.65 8.31 -10.38
CA THR B 52 -20.28 8.72 -11.64
C THR B 52 -20.74 7.54 -12.49
N GLY B 53 -20.18 6.35 -12.26
CA GLY B 53 -20.48 5.21 -13.10
C GLY B 53 -19.72 5.16 -14.40
N GLN B 54 -18.78 6.08 -14.64
CA GLN B 54 -17.99 6.04 -15.86
C GLN B 54 -17.08 4.82 -15.88
N ALA B 55 -16.66 4.44 -17.08
CA ALA B 55 -16.04 3.13 -17.29
C ALA B 55 -14.64 3.04 -16.68
N ILE B 56 -13.79 4.02 -16.95
CA ILE B 56 -12.38 3.98 -16.55
C ILE B 56 -12.00 5.34 -16.00
N THR B 57 -11.60 5.38 -14.74
CA THR B 57 -11.46 6.65 -14.04
C THR B 57 -10.19 6.65 -13.20
N VAL B 58 -9.78 7.86 -12.80
CA VAL B 58 -8.54 7.99 -12.03
C VAL B 58 -8.70 7.57 -10.57
N THR B 59 -9.93 7.40 -10.09
CA THR B 59 -10.24 6.90 -8.76
C THR B 59 -11.53 6.10 -8.87
N PRO B 60 -11.80 5.19 -7.94
CA PRO B 60 -13.03 4.40 -8.02
C PRO B 60 -14.28 5.25 -8.16
N GLU B 61 -15.11 4.90 -9.16
CA GLU B 61 -16.30 5.68 -9.45
C GLU B 61 -17.54 4.79 -9.61
N ALA B 62 -17.52 3.59 -9.04
CA ALA B 62 -18.69 2.71 -9.09
C ALA B 62 -19.93 3.44 -8.61
N ASN B 63 -21.05 3.22 -9.30
CA ASN B 63 -22.34 3.56 -8.73
C ASN B 63 -22.91 2.33 -8.04
N MET B 64 -24.20 2.39 -7.70
CA MET B 64 -24.82 1.30 -6.97
C MET B 64 -24.88 0.00 -7.78
N ASP B 65 -24.81 0.10 -9.10
CA ASP B 65 -24.89 -1.05 -10.00
C ASP B 65 -23.54 -1.62 -10.38
N GLN B 66 -22.45 -1.14 -9.77
CA GLN B 66 -21.13 -1.49 -10.27
C GLN B 66 -20.19 -1.82 -9.12
N GLU B 67 -19.12 -2.53 -9.47
CA GLU B 67 -17.93 -2.72 -8.65
C GLU B 67 -16.76 -2.00 -9.30
N SER B 68 -15.87 -1.44 -8.49
CA SER B 68 -14.66 -0.80 -8.97
C SER B 68 -13.47 -1.70 -8.72
N PHE B 69 -12.58 -1.81 -9.72
CA PHE B 69 -11.42 -2.68 -9.64
C PHE B 69 -10.17 -1.90 -10.02
N GLY B 70 -9.03 -2.30 -9.45
CA GLY B 70 -7.75 -1.82 -9.94
C GLY B 70 -7.58 -2.21 -11.39
N GLY B 71 -7.18 -1.24 -12.23
CA GLY B 71 -7.26 -1.43 -13.68
C GLY B 71 -6.33 -2.52 -14.17
N ALA B 72 -5.07 -2.50 -13.74
CA ALA B 72 -4.09 -3.45 -14.26
C ALA B 72 -4.54 -4.89 -14.04
N SER B 73 -5.16 -5.18 -12.90
CA SER B 73 -5.56 -6.55 -12.61
C SER B 73 -6.72 -7.02 -13.47
N CYS B 74 -7.39 -6.13 -14.20
CA CYS B 74 -8.50 -6.46 -15.07
C CYS B 74 -8.13 -6.42 -16.55
N CYS B 75 -6.85 -6.22 -16.86
CA CYS B 75 -6.40 -6.13 -18.24
C CYS B 75 -5.84 -7.48 -18.66
N LEU B 76 -6.43 -8.05 -19.71
CA LEU B 76 -5.94 -9.33 -20.23
C LEU B 76 -4.45 -9.30 -20.53
N TYR B 77 -3.99 -8.22 -21.16
CA TYR B 77 -2.59 -8.16 -21.59
C TYR B 77 -1.65 -8.01 -20.39
N CYS B 78 -2.00 -7.14 -19.45
CA CYS B 78 -1.25 -7.06 -18.20
C CYS B 78 -1.18 -8.41 -17.50
N ARG B 79 -2.35 -9.04 -17.30
CA ARG B 79 -2.40 -10.27 -16.49
C ARG B 79 -1.70 -11.44 -17.18
N CYS B 80 -1.70 -11.48 -18.51
CA CYS B 80 -1.08 -12.57 -19.24
C CYS B 80 0.38 -12.31 -19.57
N HIS B 81 0.91 -11.15 -19.18
CA HIS B 81 2.32 -10.81 -19.40
C HIS B 81 2.63 -10.76 -20.90
N ILE B 82 1.79 -10.06 -21.65
CA ILE B 82 1.94 -10.00 -23.09
C ILE B 82 1.79 -8.56 -23.56
N ASP B 83 2.25 -8.31 -24.79
CA ASP B 83 2.25 -6.95 -25.33
C ASP B 83 0.83 -6.45 -25.53
N HIS B 84 0.63 -5.17 -25.28
CA HIS B 84 -0.67 -4.59 -25.52
C HIS B 84 -0.83 -4.29 -27.01
N PRO B 85 -2.07 -4.35 -27.54
CA PRO B 85 -2.25 -4.09 -28.98
C PRO B 85 -2.10 -2.64 -29.36
N ASN B 86 -2.13 -1.72 -28.40
CA ASN B 86 -1.83 -0.32 -28.70
C ASN B 86 -0.46 -0.24 -29.38
N PRO B 87 -0.35 0.44 -30.53
CA PRO B 87 0.93 0.42 -31.27
C PRO B 87 2.13 0.88 -30.44
N LYS B 88 1.93 1.79 -29.49
CA LYS B 88 2.99 2.19 -28.56
C LYS B 88 3.00 1.35 -27.30
N GLY B 89 2.19 0.29 -27.25
CA GLY B 89 2.16 -0.58 -26.09
C GLY B 89 1.54 0.02 -24.85
N PHE B 90 0.73 1.07 -25.00
N PHE B 90 0.77 1.09 -24.99
CA PHE B 90 0.07 1.74 -23.88
CA PHE B 90 0.15 1.69 -23.82
C PHE B 90 -1.14 0.93 -23.41
C PHE B 90 -1.08 0.87 -23.39
N CYS B 91 -1.42 1.01 -22.11
CA CYS B 91 -2.54 0.28 -21.52
C CYS B 91 -3.65 1.24 -21.12
N ASP B 92 -4.87 0.94 -21.56
CA ASP B 92 -6.04 1.75 -21.20
C ASP B 92 -6.40 1.68 -19.73
N LEU B 93 -5.96 0.65 -19.00
CA LEU B 93 -6.48 0.36 -17.67
C LEU B 93 -5.46 0.55 -16.55
N LYS B 94 -4.20 0.20 -16.78
CA LYS B 94 -3.19 0.23 -15.72
C LYS B 94 -3.06 1.63 -15.11
N GLY B 95 -3.07 1.68 -13.78
CA GLY B 95 -2.98 2.94 -13.07
C GLY B 95 -4.29 3.67 -12.94
N LYS B 96 -5.37 3.12 -13.48
CA LYS B 96 -6.71 3.66 -13.31
C LYS B 96 -7.60 2.63 -12.62
N TYR B 97 -8.88 2.95 -12.49
CA TYR B 97 -9.87 2.07 -11.88
C TYR B 97 -10.94 1.81 -12.91
N VAL B 98 -11.38 0.56 -13.01
CA VAL B 98 -12.39 0.19 -14.00
C VAL B 98 -13.67 -0.19 -13.26
N GLN B 99 -14.79 0.35 -13.72
CA GLN B 99 -16.09 0.06 -13.15
C GLN B 99 -16.74 -1.07 -13.94
N ILE B 100 -17.15 -2.11 -13.24
CA ILE B 100 -17.71 -3.31 -13.86
C ILE B 100 -19.14 -3.47 -13.35
N PRO B 101 -20.13 -3.63 -14.22
CA PRO B 101 -21.49 -3.93 -13.74
C PRO B 101 -21.44 -5.14 -12.80
N THR B 102 -22.18 -5.03 -11.70
CA THR B 102 -22.15 -6.08 -10.68
C THR B 102 -22.56 -7.43 -11.29
N THR B 103 -23.50 -7.43 -12.24
CA THR B 103 -23.90 -8.66 -12.90
C THR B 103 -22.75 -9.32 -13.66
N CYS B 104 -21.72 -8.57 -14.04
CA CYS B 104 -20.59 -9.09 -14.80
C CYS B 104 -19.31 -9.16 -13.99
N ALA B 105 -19.37 -8.87 -12.69
CA ALA B 105 -18.15 -8.77 -11.89
C ALA B 105 -17.50 -10.12 -11.64
N ASN B 106 -18.14 -11.23 -12.02
CA ASN B 106 -17.47 -12.52 -11.94
C ASN B 106 -16.35 -12.66 -12.98
N ASP B 107 -16.34 -11.82 -14.02
CA ASP B 107 -15.33 -11.89 -15.08
C ASP B 107 -14.95 -10.48 -15.53
N PRO B 108 -14.24 -9.73 -14.69
CA PRO B 108 -13.86 -8.36 -15.09
C PRO B 108 -12.98 -8.31 -16.32
N VAL B 109 -12.03 -9.24 -16.46
CA VAL B 109 -11.17 -9.24 -17.65
C VAL B 109 -12.00 -9.46 -18.91
N GLY B 110 -12.90 -10.43 -18.87
CA GLY B 110 -13.76 -10.67 -20.03
C GLY B 110 -14.63 -9.46 -20.33
N PHE B 111 -15.09 -8.77 -19.28
CA PHE B 111 -15.93 -7.61 -19.52
C PHE B 111 -15.15 -6.50 -20.21
N THR B 112 -13.96 -6.17 -19.71
CA THR B 112 -13.22 -5.06 -20.32
C THR B 112 -12.79 -5.42 -21.73
N LEU B 113 -12.50 -6.69 -21.97
CA LEU B 113 -12.09 -7.12 -23.30
C LEU B 113 -13.24 -7.00 -24.30
N LYS B 114 -14.43 -7.44 -23.91
CA LYS B 114 -15.56 -7.53 -24.84
C LYS B 114 -16.31 -6.21 -25.03
N ASN B 115 -16.07 -5.19 -24.23
CA ASN B 115 -16.90 -3.99 -24.29
C ASN B 115 -16.07 -2.78 -24.66
N THR B 116 -16.75 -1.69 -25.03
CA THR B 116 -16.07 -0.47 -25.44
C THR B 116 -16.66 0.73 -24.73
N VAL B 117 -15.80 1.69 -24.41
CA VAL B 117 -16.17 2.91 -23.72
C VAL B 117 -16.64 3.94 -24.74
N CYS B 118 -17.74 4.62 -24.43
CA CYS B 118 -18.18 5.74 -25.25
C CYS B 118 -17.17 6.88 -25.15
N THR B 119 -16.65 7.32 -26.29
CA THR B 119 -15.69 8.42 -26.29
C THR B 119 -16.32 9.76 -25.97
N VAL B 120 -17.66 9.86 -25.98
CA VAL B 120 -18.34 11.12 -25.70
C VAL B 120 -18.60 11.26 -24.20
N CYS B 121 -19.30 10.29 -23.62
CA CYS B 121 -19.73 10.39 -22.24
C CYS B 121 -18.87 9.58 -21.27
N GLY B 122 -17.99 8.73 -21.77
CA GLY B 122 -17.14 7.95 -20.88
C GLY B 122 -17.81 6.76 -20.23
N MET B 123 -19.07 6.49 -20.53
N MET B 123 -19.07 6.48 -20.55
CA MET B 123 -19.76 5.31 -20.03
CA MET B 123 -19.76 5.32 -20.02
C MET B 123 -19.50 4.13 -20.95
C MET B 123 -19.60 4.13 -20.96
N TRP B 124 -19.71 2.93 -20.41
CA TRP B 124 -19.68 1.72 -21.23
C TRP B 124 -20.85 1.72 -22.20
N LYS B 125 -20.56 1.48 -23.48
CA LYS B 125 -21.62 1.26 -24.46
C LYS B 125 -22.50 0.10 -23.99
N GLY B 126 -23.80 0.36 -23.85
CA GLY B 126 -24.74 -0.66 -23.41
C GLY B 126 -24.79 -0.88 -21.91
N TYR B 127 -23.91 -0.25 -21.12
CA TYR B 127 -23.95 -0.34 -19.67
C TYR B 127 -23.78 1.06 -19.06
N GLY B 128 -24.52 2.03 -19.58
CA GLY B 128 -24.45 3.37 -19.05
C GLY B 128 -24.57 4.47 -20.10
N CYS B 129 -23.97 4.27 -21.26
CA CYS B 129 -23.99 5.31 -22.29
C CYS B 129 -25.40 5.47 -22.85
N SER B 130 -25.94 6.68 -22.73
CA SER B 130 -27.25 7.00 -23.27
C SER B 130 -27.17 7.98 -24.44
N CYS B 131 -26.00 8.09 -25.08
CA CYS B 131 -25.83 9.05 -26.16
C CYS B 131 -26.74 8.76 -27.34
N ASP B 132 -27.15 7.50 -27.51
CA ASP B 132 -28.03 7.13 -28.60
C ASP B 132 -29.50 7.41 -28.30
N GLN B 133 -29.79 8.17 -27.25
CA GLN B 133 -31.15 8.61 -26.98
C GLN B 133 -31.38 10.04 -27.48
C1 TEP C . 0.47 -14.43 17.44
N1 TEP C . 0.53 -15.85 17.74
C2 TEP C . 1.34 -16.65 17.00
O2 TEP C . 1.99 -16.19 16.12
N3 TEP C . 1.38 -17.96 17.27
C3 TEP C . 2.26 -18.81 16.48
C4 TEP C . 0.64 -18.52 18.27
C5 TEP C . -0.18 -17.72 19.02
C6 TEP C . -0.21 -16.34 18.73
O6 TEP C . -0.92 -15.63 19.36
N7 TEP C . -0.81 -18.50 19.94
C8 TEP C . -0.39 -19.75 19.77
N9 TEP C . 0.48 -19.78 18.77
C1 EDO D . -0.43 15.47 -5.88
O1 EDO D . 0.76 15.54 -5.08
C2 EDO D . 0.02 15.40 -7.33
O2 EDO D . 0.80 16.57 -7.58
C1 EDO E . 14.00 -10.43 7.90
O1 EDO E . 13.09 -11.16 7.06
C2 EDO E . 14.63 -9.36 7.02
O2 EDO E . 15.09 -9.99 5.80
O1 MES F . -0.32 13.17 14.25
C2 MES F . 0.73 13.18 15.22
C3 MES F . 0.21 13.15 16.65
N4 MES F . -1.01 12.37 16.63
C5 MES F . -2.12 12.84 15.81
C6 MES F . -1.53 13.76 14.74
C7 MES F . -1.41 11.73 17.89
C8 MES F . -0.65 12.39 19.03
S MES F . -1.14 11.79 20.53
O1S MES F . -2.22 10.76 20.35
O2S MES F . -1.72 12.90 21.31
O3S MES F . 0.07 11.27 21.27
C1 EDO G . 19.92 6.70 -10.20
O1 EDO G . 18.97 5.80 -9.63
C2 EDO G . 20.59 7.42 -9.04
O2 EDO G . 20.50 6.54 -7.92
C1 EDO H . 2.10 -11.54 7.70
O1 EDO H . 1.50 -10.59 8.57
C2 EDO H . 1.26 -11.60 6.43
O2 EDO H . 1.50 -10.42 5.64
C1 EDO I . 8.53 -16.79 20.51
O1 EDO I . 7.52 -16.97 19.48
C2 EDO I . 9.75 -17.69 20.25
O2 EDO I . 10.52 -17.16 19.16
C1 EDO J . 11.35 -14.35 23.53
O1 EDO J . 11.73 -14.99 24.76
C2 EDO J . 12.14 -14.88 22.34
O2 EDO J . 13.55 -14.65 22.49
C1 EDO K . -16.57 -8.43 11.88
O1 EDO K . -16.61 -7.08 11.41
C2 EDO K . -15.44 -9.14 11.12
O2 EDO K . -15.30 -10.48 11.59
C1 EDO L . -20.85 -11.92 2.61
O1 EDO L . -21.28 -10.62 2.18
C2 EDO L . -20.16 -11.80 3.96
O2 EDO L . -19.22 -10.72 3.86
NA NA M . 4.00 12.39 3.87
C1 EDO N . 19.70 3.63 -1.70
O1 EDO N . 19.43 4.17 -0.41
C2 EDO N . 18.68 4.26 -2.64
O2 EDO N . 19.34 5.25 -3.43
C1 EDO O . 19.08 4.16 13.68
O1 EDO O . 19.85 3.77 12.53
C2 EDO O . 19.97 4.92 14.65
O2 EDO O . 20.48 6.10 13.99
C1 EDO P . -4.12 9.39 16.09
O1 EDO P . -5.25 8.73 15.50
C2 EDO P . -3.84 8.76 17.44
O2 EDO P . -3.52 7.38 17.28
C1 EDO Q . 21.95 -8.15 -7.22
O1 EDO Q . 22.51 -9.13 -6.33
C2 EDO Q . 23.04 -7.15 -7.61
O2 EDO Q . 23.33 -6.32 -6.48
N SAM R . 1.64 -5.82 0.00
CA SAM R . 1.30 -7.06 -0.68
C SAM R . -0.18 -6.96 -1.04
O SAM R . -0.89 -8.00 -1.19
OXT SAM R . -0.68 -5.82 -1.22
CB SAM R . 1.62 -8.31 0.15
CG SAM R . 3.13 -8.54 0.26
SD SAM R . 3.58 -10.00 1.23
CE SAM R . 2.88 -9.92 2.90
C5' SAM R . 5.38 -9.95 1.51
C4' SAM R . 6.13 -9.35 0.36
O4' SAM R . 7.27 -8.89 0.81
C3' SAM R . 6.47 -10.62 -0.67
O3' SAM R . 5.85 -10.38 -1.98
C2' SAM R . 7.75 -10.73 -0.69
O2' SAM R . 8.25 -11.23 -2.02
C1' SAM R . 8.33 -9.31 -0.24
N9 SAM R . 9.60 -9.37 0.17
C8 SAM R . 10.09 -10.12 1.15
N7 SAM R . 11.42 -9.96 1.26
C5 SAM R . 11.83 -9.06 0.30
C6 SAM R . 13.10 -8.49 -0.09
N6 SAM R . 14.35 -8.83 0.58
N1 SAM R . 13.14 -7.62 -1.10
C2 SAM R . 12.01 -7.30 -1.75
N3 SAM R . 10.81 -7.80 -1.41
C4 SAM R . 10.68 -8.69 -0.39
C1 EDO S . 8.38 -8.68 31.91
O1 EDO S . 7.95 -8.76 30.55
C2 EDO S . 9.27 -7.45 32.14
O2 EDO S . 9.20 -6.99 33.49
C1 EDO T . 8.01 -17.46 26.90
O1 EDO T . 7.61 -16.10 26.71
C2 EDO T . 9.53 -17.53 27.01
O2 EDO T . 10.12 -16.68 26.00
C1 EDO U . -2.83 7.06 20.90
O1 EDO U . -2.28 6.78 19.62
C2 EDO U . -1.70 7.33 21.88
O2 EDO U . -2.11 6.95 23.21
C1 EDO V . 6.63 -5.64 -13.44
O1 EDO V . 7.39 -6.48 -14.31
C2 EDO V . 5.27 -5.38 -14.07
O2 EDO V . 4.64 -4.30 -13.39
C1 EDO W . 19.37 -11.88 10.73
O1 EDO W . 18.24 -11.24 10.13
C2 EDO W . 19.65 -11.30 12.11
O2 EDO W . 19.09 -12.14 13.14
C1 EDO X . 16.24 -13.95 -3.32
O1 EDO X . 15.67 -14.96 -4.17
C2 EDO X . 17.04 -12.94 -4.14
O2 EDO X . 17.59 -11.95 -3.27
C1 EDO Y . 11.56 2.29 26.27
O1 EDO Y . 10.95 3.59 26.24
C2 EDO Y . 12.45 2.09 25.05
O2 EDO Y . 13.16 3.30 24.80
C1 EDO Z . 2.42 -13.95 12.83
O1 EDO Z . 2.68 -13.68 11.44
C2 EDO Z . 0.98 -13.53 13.09
O2 EDO Z . 0.59 -13.74 14.44
C1 EDO AA . 18.18 17.64 4.48
O1 EDO AA . 17.82 18.71 3.61
C2 EDO AA . 19.26 18.16 5.42
O2 EDO AA . 19.31 19.58 5.28
C1 EDO BA . 20.13 2.16 1.84
O1 EDO BA . 21.21 2.09 0.90
C2 EDO BA . 20.32 1.00 2.79
O2 EDO BA . 21.72 0.89 3.08
NA NA CA . 6.45 -13.45 11.54
ZN ZN DA . -2.79 -3.66 -19.53
ZN ZN EA . -22.10 7.96 -24.58
C1 EDO FA . -12.13 -1.29 -23.36
O1 EDO FA . -12.26 -2.49 -24.16
C2 EDO FA . -10.86 -1.32 -22.52
O2 EDO FA . -9.74 -1.68 -23.34
C1 EDO GA . 0.23 -15.13 -16.16
O1 EDO GA . 1.20 -15.24 -15.11
C2 EDO GA . 0.70 -15.87 -17.40
O2 EDO GA . -0.42 -16.08 -18.30
C1 EDO HA . -28.43 -2.35 -4.56
O1 EDO HA . -29.65 -3.06 -4.84
C2 EDO HA . -27.29 -3.35 -4.37
O2 EDO HA . -27.35 -4.31 -5.44
O1 MES IA . -11.51 -11.76 -9.65
C2 MES IA . -11.42 -11.61 -8.23
C3 MES IA . -12.38 -10.59 -7.62
N4 MES IA . -13.75 -10.90 -8.08
C5 MES IA . -13.94 -11.67 -9.32
C6 MES IA . -12.76 -11.34 -10.23
C7 MES IA . -14.87 -10.53 -7.21
C8 MES IA . -16.19 -10.86 -7.93
S MES IA . -17.48 -10.18 -7.07
O1S MES IA . -17.43 -10.54 -5.62
O2S MES IA . -18.76 -10.64 -7.66
O3S MES IA . -17.38 -8.72 -7.24
C1 EDO JA . 1.78 -1.06 -20.69
O1 EDO JA . 2.16 -2.00 -19.67
C2 EDO JA . 2.58 0.23 -20.50
O2 EDO JA . 2.87 0.39 -19.10
C1 EDO KA . -28.21 3.87 -8.96
O1 EDO KA . -29.26 3.04 -9.44
C2 EDO KA . -27.08 3.78 -9.96
O2 EDO KA . -27.69 3.92 -11.24
C1 EDO LA . -4.64 -15.43 -14.67
O1 EDO LA . -4.88 -16.67 -15.34
C2 EDO LA . -3.39 -14.78 -15.24
O2 EDO LA . -3.41 -14.92 -16.67
#